data_8QCT
#
_entry.id   8QCT
#
_cell.length_a   1.00
_cell.length_b   1.00
_cell.length_c   1.00
_cell.angle_alpha   90.00
_cell.angle_beta   90.00
_cell.angle_gamma   90.00
#
_symmetry.space_group_name_H-M   'P 1'
#
loop_
_entity.id
_entity.type
_entity.pdbx_description
1 polymer 'Heme transporter FLVCR1'
2 non-polymer 'CHOLINE ION'
#
_entity_poly.entity_id   1
_entity_poly.type   'polypeptide(L)'
_entity_poly.pdbx_seq_one_letter_code
;MARPDDEEGAAVAPGHPLAKGYLPLPRGAPVGKESVELQNGPKAGTFPVNGAPRDSLAAASGVLGGPQTPLAPEEETQAR
LLPAGAGAETPGAESSPLPLTALSPRRFVVLLIFSLYSLVNAFQWIQYSIISNVFEGFYGVTLLHIDWLSMVYMLAYVPL
IFPATWLLDTRGLRLTALLGSGLNCLGAWIKCGSVQQHLFWVTMLGQCLCSVAQVFILGLPSRIASVWFGPKEVSTACAT
AVLGNQLGTAVGFLLPPVLVPNTQNDTNLLACNISTMFYGTSAVATLLFILTAIAFKEKPRYPPSQAQAALQDSPPEEYS
YKKSIRNLFKNIPFVLLLITYGIMTGAFYSVSTLLNQMILTYYEGEEVNAGRIGLTLVVAGMVGSILCGLWLDYTKTYKQ
TTLIVYILSFIGMVIFTFTLDLRYIIIVFVTGGVLGFFMTGYLPLGFEFAVEITYPESEGTSSGLLNASAQIFGILFTLA
QGKLTSDYGPKAGNIFLCVWMFIGIILTALIKSDLRRHNINIGITNVDVKAIPADSPTDQEPKTVMLSKQSESAIDYKDD
DDK
;
_entity_poly.pdbx_strand_id   A
#
loop_
_chem_comp.id
_chem_comp.type
_chem_comp.name
_chem_comp.formula
CHT non-polymer 'CHOLINE ION' 'C5 H14 N O 1'
#
# COMPACT_ATOMS: atom_id res chain seq x y z
N LEU A 100 -18.63 13.19 28.81
CA LEU A 100 -17.30 13.51 29.30
C LEU A 100 -16.23 13.10 28.29
N THR A 101 -15.62 14.10 27.66
CA THR A 101 -14.60 13.88 26.64
C THR A 101 -13.23 14.23 27.23
N ALA A 102 -12.29 13.29 27.10
CA ALA A 102 -10.93 13.50 27.57
C ALA A 102 -9.96 12.86 26.59
N LEU A 103 -8.74 13.37 26.55
CA LEU A 103 -7.68 12.88 25.67
C LEU A 103 -6.61 12.21 26.53
N SER A 104 -6.32 10.94 26.22
CA SER A 104 -5.31 10.23 27.00
C SER A 104 -3.97 10.21 26.27
N PRO A 105 -2.87 10.34 27.02
CA PRO A 105 -1.54 10.28 26.41
C PRO A 105 -1.26 8.99 25.64
N ARG A 106 -2.08 7.95 25.79
CA ARG A 106 -1.86 6.68 25.11
C ARG A 106 -2.13 6.75 23.62
N ARG A 107 -2.82 7.78 23.12
CA ARG A 107 -3.14 7.82 21.70
C ARG A 107 -1.87 7.90 20.85
N PHE A 108 -0.87 8.65 21.30
CA PHE A 108 0.40 8.70 20.59
C PHE A 108 1.10 7.34 20.62
N VAL A 109 1.02 6.64 21.76
CA VAL A 109 1.61 5.31 21.86
C VAL A 109 0.89 4.33 20.92
N VAL A 110 -0.43 4.39 20.87
CA VAL A 110 -1.19 3.51 19.98
C VAL A 110 -0.89 3.83 18.52
N LEU A 111 -0.89 5.12 18.17
CA LEU A 111 -0.61 5.52 16.79
C LEU A 111 0.82 5.18 16.39
N LEU A 112 1.78 5.39 17.30
CA LEU A 112 3.17 5.06 16.99
C LEU A 112 3.35 3.56 16.77
N ILE A 113 2.73 2.74 17.62
CA ILE A 113 2.89 1.29 17.50
C ILE A 113 2.30 0.78 16.20
N PHE A 114 1.09 1.25 15.86
CA PHE A 114 0.46 0.80 14.62
C PHE A 114 1.25 1.23 13.40
N SER A 115 1.62 2.52 13.34
CA SER A 115 2.37 3.02 12.20
C SER A 115 3.73 2.35 12.06
N LEU A 116 4.25 1.77 13.14
CA LEU A 116 5.54 1.09 13.07
C LEU A 116 5.40 -0.32 12.51
N TYR A 117 4.40 -1.07 12.97
CA TYR A 117 4.20 -2.40 12.41
C TYR A 117 3.37 -2.39 11.15
N SER A 118 2.70 -1.28 10.83
CA SER A 118 2.18 -1.10 9.48
C SER A 118 3.31 -0.77 8.51
N LEU A 119 4.35 -0.10 8.99
CA LEU A 119 5.55 0.12 8.20
C LEU A 119 6.25 -1.19 7.87
N VAL A 120 6.36 -2.09 8.85
CA VAL A 120 7.06 -3.35 8.63
C VAL A 120 6.29 -4.23 7.65
N ASN A 121 4.96 -4.21 7.72
CA ASN A 121 4.17 -5.02 6.81
C ASN A 121 4.40 -4.60 5.36
N ALA A 122 4.40 -3.29 5.10
CA ALA A 122 4.69 -2.80 3.76
C ALA A 122 6.14 -3.02 3.37
N PHE A 123 7.05 -3.10 4.34
CA PHE A 123 8.43 -3.44 4.03
C PHE A 123 8.54 -4.84 3.45
N GLN A 124 7.84 -5.81 4.03
CA GLN A 124 7.94 -7.19 3.57
C GLN A 124 7.24 -7.41 2.24
N TRP A 125 6.28 -6.56 1.88
CA TRP A 125 5.58 -6.73 0.60
C TRP A 125 6.51 -6.55 -0.58
N ILE A 126 7.44 -5.59 -0.49
CA ILE A 126 8.29 -5.22 -1.62
C ILE A 126 9.73 -5.65 -1.44
N GLN A 127 10.07 -6.26 -0.31
CA GLN A 127 11.47 -6.60 -0.03
C GLN A 127 12.03 -7.62 -1.01
N TYR A 128 11.18 -8.41 -1.67
CA TYR A 128 11.64 -9.33 -2.69
C TYR A 128 11.70 -8.71 -4.07
N SER A 129 10.74 -7.84 -4.40
CA SER A 129 10.62 -7.36 -5.78
C SER A 129 11.74 -6.40 -6.16
N ILE A 130 12.25 -5.62 -5.22
CA ILE A 130 13.31 -4.67 -5.54
C ILE A 130 14.63 -5.37 -5.82
N ILE A 131 14.81 -6.60 -5.33
CA ILE A 131 16.00 -7.39 -5.62
C ILE A 131 15.59 -8.69 -6.29
N SER A 132 14.54 -8.62 -7.11
CA SER A 132 13.95 -9.83 -7.69
C SER A 132 14.99 -10.66 -8.46
N ASN A 133 15.97 -10.01 -9.09
CA ASN A 133 16.99 -10.77 -9.81
C ASN A 133 17.90 -11.54 -8.85
N VAL A 134 18.06 -11.05 -7.62
CA VAL A 134 18.86 -11.75 -6.63
C VAL A 134 18.14 -13.02 -6.18
N PHE A 135 16.86 -12.91 -5.85
CA PHE A 135 16.11 -14.06 -5.38
C PHE A 135 15.80 -15.04 -6.51
N GLU A 136 15.66 -14.54 -7.73
CA GLU A 136 15.39 -15.43 -8.87
C GLU A 136 16.54 -16.42 -9.07
N GLY A 137 17.78 -15.95 -8.98
CA GLY A 137 18.90 -16.84 -9.10
C GLY A 137 19.19 -17.64 -7.85
N PHE A 138 18.93 -17.06 -6.67
CA PHE A 138 19.21 -17.77 -5.42
C PHE A 138 18.24 -18.93 -5.22
N TYR A 139 16.95 -18.71 -5.48
CA TYR A 139 15.96 -19.76 -5.31
C TYR A 139 15.83 -20.65 -6.54
N GLY A 140 16.50 -20.32 -7.63
CA GLY A 140 16.40 -21.12 -8.84
C GLY A 140 15.01 -21.16 -9.44
N VAL A 141 14.32 -20.01 -9.45
CA VAL A 141 12.97 -19.94 -9.99
C VAL A 141 12.92 -18.87 -11.08
N THR A 142 11.76 -18.73 -11.72
CA THR A 142 11.56 -17.71 -12.73
C THR A 142 11.19 -16.39 -12.07
N LEU A 143 11.22 -15.32 -12.88
CA LEU A 143 10.82 -14.01 -12.37
C LEU A 143 9.36 -13.99 -11.96
N LEU A 144 8.52 -14.82 -12.59
CA LEU A 144 7.11 -14.86 -12.24
C LEU A 144 6.90 -15.32 -10.81
N HIS A 145 7.74 -16.24 -10.32
CA HIS A 145 7.64 -16.67 -8.93
C HIS A 145 7.86 -15.51 -7.97
N ILE A 146 8.83 -14.65 -8.28
CA ILE A 146 9.14 -13.53 -7.39
C ILE A 146 8.02 -12.49 -7.41
N ASP A 147 7.44 -12.24 -8.59
CA ASP A 147 6.31 -11.31 -8.66
C ASP A 147 5.12 -11.79 -7.85
N TRP A 148 4.98 -13.10 -7.68
CA TRP A 148 3.90 -13.63 -6.86
C TRP A 148 4.18 -13.44 -5.37
N LEU A 149 5.45 -13.27 -5.00
CA LEU A 149 5.74 -12.87 -3.63
C LEU A 149 5.22 -11.48 -3.32
N SER A 150 4.98 -10.66 -4.34
CA SER A 150 4.35 -9.37 -4.18
C SER A 150 2.87 -9.39 -4.50
N MET A 151 2.39 -10.35 -5.28
CA MET A 151 0.99 -10.42 -5.65
C MET A 151 0.11 -11.10 -4.60
N VAL A 152 0.69 -11.94 -3.74
CA VAL A 152 -0.12 -12.61 -2.72
C VAL A 152 -0.68 -11.62 -1.72
N TYR A 153 -0.04 -10.46 -1.55
CA TYR A 153 -0.64 -9.40 -0.75
C TYR A 153 -1.96 -8.95 -1.36
N MET A 154 -1.99 -8.78 -2.68
CA MET A 154 -3.21 -8.35 -3.36
C MET A 154 -4.26 -9.45 -3.36
N LEU A 155 -3.83 -10.69 -3.64
CA LEU A 155 -4.78 -11.79 -3.76
C LEU A 155 -5.47 -12.09 -2.44
N ALA A 156 -4.74 -12.03 -1.33
CA ALA A 156 -5.33 -12.36 -0.04
C ALA A 156 -6.30 -11.29 0.44
N TYR A 157 -6.18 -10.06 -0.08
CA TYR A 157 -6.98 -8.96 0.44
C TYR A 157 -8.43 -9.06 0.00
N VAL A 158 -8.67 -9.43 -1.26
CA VAL A 158 -10.03 -9.36 -1.80
C VAL A 158 -11.00 -10.28 -1.08
N PRO A 159 -10.73 -11.58 -0.90
CA PRO A 159 -11.72 -12.45 -0.24
C PRO A 159 -11.75 -12.35 1.27
N LEU A 160 -10.76 -11.71 1.90
CA LEU A 160 -10.68 -11.67 3.35
C LEU A 160 -11.05 -10.31 3.94
N ILE A 161 -11.19 -9.27 3.13
CA ILE A 161 -11.37 -7.93 3.67
C ILE A 161 -12.70 -7.81 4.41
N PHE A 162 -13.77 -8.36 3.84
CA PHE A 162 -15.09 -8.17 4.44
C PHE A 162 -15.30 -9.09 5.65
N PRO A 163 -14.87 -10.36 5.62
CA PRO A 163 -14.88 -11.12 6.87
C PRO A 163 -14.00 -10.51 7.95
N ALA A 164 -12.88 -9.89 7.58
CA ALA A 164 -12.05 -9.22 8.58
C ALA A 164 -12.70 -7.93 9.07
N THR A 165 -13.41 -7.23 8.19
CA THR A 165 -14.13 -6.04 8.61
C THR A 165 -15.23 -6.39 9.60
N TRP A 166 -15.92 -7.52 9.38
CA TRP A 166 -16.91 -7.98 10.33
C TRP A 166 -16.28 -8.31 11.68
N LEU A 167 -15.07 -8.88 11.67
CA LEU A 167 -14.37 -9.20 12.91
C LEU A 167 -14.06 -7.93 13.70
N LEU A 168 -13.64 -6.87 13.00
CA LEU A 168 -13.29 -5.62 13.68
C LEU A 168 -14.51 -5.01 14.36
N ASP A 169 -15.66 -5.01 13.68
CA ASP A 169 -16.86 -4.40 14.22
C ASP A 169 -17.49 -5.21 15.34
N THR A 170 -17.19 -6.50 15.43
CA THR A 170 -17.78 -7.37 16.45
C THR A 170 -16.87 -7.58 17.64
N ARG A 171 -15.62 -8.03 17.42
CA ARG A 171 -14.73 -8.32 18.53
C ARG A 171 -14.06 -7.06 19.06
N GLY A 172 -13.44 -6.27 18.17
CA GLY A 172 -12.90 -4.99 18.61
C GLY A 172 -11.57 -4.60 18.00
N LEU A 173 -11.07 -3.44 18.42
CA LEU A 173 -9.81 -2.91 17.88
C LEU A 173 -8.61 -3.73 18.33
N ARG A 174 -8.60 -4.17 19.59
CA ARG A 174 -7.42 -4.82 20.15
C ARG A 174 -7.14 -6.15 19.45
N LEU A 175 -8.18 -6.95 19.21
CA LEU A 175 -7.97 -8.25 18.59
C LEU A 175 -7.42 -8.10 17.18
N THR A 176 -7.93 -7.12 16.42
CA THR A 176 -7.40 -6.87 15.07
C THR A 176 -5.95 -6.45 15.12
N ALA A 177 -5.58 -5.62 16.09
CA ALA A 177 -4.19 -5.20 16.23
C ALA A 177 -3.30 -6.38 16.61
N LEU A 178 -3.79 -7.25 17.49
CA LEU A 178 -3.00 -8.43 17.86
C LEU A 178 -2.81 -9.37 16.68
N LEU A 179 -3.87 -9.60 15.90
CA LEU A 179 -3.77 -10.50 14.76
C LEU A 179 -2.86 -9.93 13.67
N GLY A 180 -3.01 -8.64 13.36
CA GLY A 180 -2.21 -8.05 12.29
C GLY A 180 -0.74 -8.02 12.63
N SER A 181 -0.40 -7.54 13.83
CA SER A 181 1.00 -7.47 14.23
C SER A 181 1.54 -8.86 14.54
N GLY A 182 0.71 -9.73 15.12
CA GLY A 182 1.11 -11.10 15.38
C GLY A 182 1.41 -11.90 14.13
N LEU A 183 0.53 -11.81 13.13
CA LEU A 183 0.77 -12.53 11.88
C LEU A 183 1.95 -11.94 11.12
N ASN A 184 2.12 -10.60 11.20
CA ASN A 184 3.28 -9.97 10.59
C ASN A 184 4.57 -10.50 11.19
N CYS A 185 4.61 -10.67 12.52
CA CYS A 185 5.77 -11.27 13.16
C CYS A 185 5.91 -12.74 12.78
N LEU A 186 4.81 -13.48 12.81
CA LEU A 186 4.87 -14.92 12.54
C LEU A 186 5.31 -15.20 11.11
N GLY A 187 4.82 -14.42 10.14
CA GLY A 187 5.26 -14.59 8.77
C GLY A 187 6.73 -14.30 8.59
N ALA A 188 7.25 -13.31 9.33
CA ALA A 188 8.66 -12.96 9.22
C ALA A 188 9.56 -14.09 9.69
N TRP A 189 9.17 -14.77 10.78
CA TRP A 189 9.99 -15.86 11.31
C TRP A 189 10.02 -17.04 10.34
N ILE A 190 8.92 -17.28 9.61
CA ILE A 190 8.90 -18.36 8.63
C ILE A 190 9.88 -18.05 7.49
N LYS A 191 9.95 -16.79 7.08
CA LYS A 191 10.88 -16.41 6.01
C LYS A 191 12.32 -16.69 6.42
N CYS A 192 12.65 -16.46 7.69
CA CYS A 192 14.02 -16.67 8.16
C CYS A 192 14.44 -18.13 8.03
N GLY A 193 13.48 -19.05 8.02
CA GLY A 193 13.75 -20.46 7.86
C GLY A 193 13.85 -20.94 6.43
N SER A 194 13.82 -20.04 5.45
CA SER A 194 13.78 -20.39 4.04
C SER A 194 15.01 -19.90 3.29
N VAL A 195 16.15 -19.84 3.96
CA VAL A 195 17.34 -19.19 3.42
C VAL A 195 18.18 -20.26 2.71
N GLN A 196 17.57 -21.41 2.46
CA GLN A 196 18.21 -22.43 1.65
C GLN A 196 17.70 -22.34 0.21
N GLN A 197 18.55 -22.78 -0.73
CA GLN A 197 18.26 -22.60 -2.15
C GLN A 197 17.02 -23.37 -2.60
N HIS A 198 16.61 -24.41 -1.87
CA HIS A 198 15.50 -25.26 -2.27
C HIS A 198 14.29 -25.08 -1.36
N LEU A 199 14.07 -23.87 -0.85
CA LEU A 199 13.02 -23.61 0.12
C LEU A 199 12.22 -22.38 -0.28
N PHE A 200 11.92 -22.25 -1.57
CA PHE A 200 11.13 -21.11 -2.03
C PHE A 200 9.70 -21.18 -1.48
N TRP A 201 9.12 -22.38 -1.42
CA TRP A 201 7.76 -22.49 -0.93
C TRP A 201 7.65 -22.20 0.57
N VAL A 202 8.76 -22.28 1.30
CA VAL A 202 8.75 -21.85 2.70
C VAL A 202 8.65 -20.34 2.79
N THR A 203 9.38 -19.62 1.95
CA THR A 203 9.29 -18.15 1.97
C THR A 203 7.99 -17.67 1.36
N MET A 204 7.39 -18.47 0.47
CA MET A 204 6.05 -18.14 -0.03
C MET A 204 5.01 -18.35 1.06
N LEU A 205 5.15 -19.41 1.86
CA LEU A 205 4.25 -19.62 2.99
C LEU A 205 4.37 -18.49 3.99
N GLY A 206 5.59 -18.04 4.28
CA GLY A 206 5.78 -16.91 5.17
C GLY A 206 5.22 -15.63 4.60
N GLN A 207 5.40 -15.43 3.29
CA GLN A 207 4.82 -14.26 2.62
C GLN A 207 3.29 -14.32 2.64
N CYS A 208 2.72 -15.52 2.59
CA CYS A 208 1.26 -15.67 2.68
C CYS A 208 0.74 -15.19 4.03
N LEU A 209 1.44 -15.53 5.11
CA LEU A 209 1.03 -15.07 6.44
C LEU A 209 1.11 -13.55 6.56
N CYS A 210 2.15 -12.95 5.98
CA CYS A 210 2.24 -11.49 5.97
C CYS A 210 1.11 -10.87 5.14
N SER A 211 0.70 -11.53 4.05
CA SER A 211 -0.41 -11.03 3.25
C SER A 211 -1.72 -11.03 4.04
N VAL A 212 -1.96 -12.09 4.82
CA VAL A 212 -3.15 -12.14 5.66
C VAL A 212 -3.09 -11.07 6.74
N ALA A 213 -1.89 -10.73 7.22
CA ALA A 213 -1.75 -9.70 8.24
C ALA A 213 -2.19 -8.34 7.71
N GLN A 214 -1.99 -8.08 6.42
CA GLN A 214 -2.35 -6.79 5.86
C GLN A 214 -3.85 -6.54 5.88
N VAL A 215 -4.66 -7.61 5.85
CA VAL A 215 -6.10 -7.44 5.91
C VAL A 215 -6.53 -6.82 7.24
N PHE A 216 -5.72 -6.99 8.28
CA PHE A 216 -5.98 -6.39 9.58
C PHE A 216 -5.28 -5.05 9.75
N ILE A 217 -4.61 -4.54 8.72
CA ILE A 217 -3.77 -3.37 8.82
C ILE A 217 -4.24 -2.24 7.91
N LEU A 218 -4.58 -2.55 6.66
CA LEU A 218 -4.75 -1.52 5.64
C LEU A 218 -5.92 -0.57 5.93
N GLY A 219 -6.98 -1.05 6.56
CA GLY A 219 -8.12 -0.20 6.83
C GLY A 219 -8.15 0.34 8.25
N LEU A 220 -7.18 -0.10 9.05
CA LEU A 220 -7.11 0.31 10.45
C LEU A 220 -6.98 1.81 10.69
N PRO A 221 -6.18 2.58 9.90
CA PRO A 221 -5.94 3.99 10.29
C PRO A 221 -7.19 4.81 10.56
N SER A 222 -8.25 4.62 9.78
CA SER A 222 -9.48 5.37 10.03
C SER A 222 -10.09 5.01 11.38
N ARG A 223 -10.08 3.73 11.73
CA ARG A 223 -10.66 3.31 13.00
C ARG A 223 -9.84 3.80 14.18
N ILE A 224 -8.52 3.67 14.11
CA ILE A 224 -7.67 4.09 15.22
C ILE A 224 -7.78 5.58 15.46
N ALA A 225 -7.78 6.37 14.37
CA ALA A 225 -7.85 7.82 14.51
C ALA A 225 -9.15 8.26 15.18
N SER A 226 -10.27 7.67 14.77
CA SER A 226 -11.54 8.05 15.37
C SER A 226 -11.64 7.61 16.82
N VAL A 227 -11.22 6.38 17.12
CA VAL A 227 -11.38 5.83 18.46
C VAL A 227 -10.53 6.58 19.48
N TRP A 228 -9.34 7.03 19.10
CA TRP A 228 -8.35 7.51 20.05
C TRP A 228 -8.09 9.01 20.02
N PHE A 229 -8.46 9.70 18.95
CA PHE A 229 -8.09 11.09 18.77
C PHE A 229 -9.33 11.98 18.72
N GLY A 230 -9.12 13.24 19.13
CA GLY A 230 -10.20 14.20 19.18
C GLY A 230 -10.57 14.73 17.81
N PRO A 231 -11.60 15.58 17.78
CA PRO A 231 -12.11 16.08 16.49
C PRO A 231 -11.07 16.82 15.67
N LYS A 232 -10.19 17.59 16.33
CA LYS A 232 -9.19 18.37 15.59
C LYS A 232 -8.00 17.54 15.16
N GLU A 233 -7.84 16.33 15.70
CA GLU A 233 -6.63 15.52 15.40
C GLU A 233 -6.98 14.30 14.54
N VAL A 234 -8.26 14.09 14.21
CA VAL A 234 -8.65 12.87 13.52
C VAL A 234 -7.96 12.78 12.16
N SER A 235 -7.98 13.87 11.39
CA SER A 235 -7.40 13.86 10.05
C SER A 235 -5.89 13.65 10.11
N THR A 236 -5.21 14.36 11.02
CA THR A 236 -3.77 14.22 11.14
C THR A 236 -3.38 12.81 11.57
N ALA A 237 -4.11 12.25 12.53
CA ALA A 237 -3.81 10.90 12.99
C ALA A 237 -4.06 9.88 11.89
N CYS A 238 -5.16 10.01 11.16
CA CYS A 238 -5.46 9.07 10.08
C CYS A 238 -4.43 9.16 8.97
N ALA A 239 -4.06 10.39 8.59
CA ALA A 239 -3.05 10.58 7.54
C ALA A 239 -1.71 10.04 7.98
N THR A 240 -1.34 10.25 9.25
CA THR A 240 -0.05 9.79 9.74
C THR A 240 0.05 8.27 9.70
N ALA A 241 -1.03 7.57 10.06
CA ALA A 241 -1.01 6.12 10.02
C ALA A 241 -0.97 5.60 8.58
N VAL A 242 -1.72 6.26 7.68
CA VAL A 242 -1.71 5.85 6.27
C VAL A 242 -0.33 6.05 5.66
N LEU A 243 0.30 7.19 5.95
CA LEU A 243 1.63 7.46 5.41
C LEU A 243 2.66 6.50 5.98
N GLY A 244 2.41 5.91 7.14
CA GLY A 244 3.31 4.91 7.68
C GLY A 244 3.43 3.69 6.78
N ASN A 245 2.31 3.30 6.16
CA ASN A 245 2.37 2.21 5.18
C ASN A 245 3.21 2.58 3.98
N GLN A 246 3.05 3.80 3.47
CA GLN A 246 3.86 4.24 2.34
C GLN A 246 5.33 4.34 2.73
N LEU A 247 5.62 4.82 3.94
CA LEU A 247 7.01 4.87 4.40
C LEU A 247 7.62 3.48 4.46
N GLY A 248 6.84 2.46 4.81
CA GLY A 248 7.34 1.11 4.79
C GLY A 248 7.75 0.65 3.42
N THR A 249 6.95 1.01 2.40
CA THR A 249 7.32 0.69 1.03
C THR A 249 8.60 1.42 0.62
N ALA A 250 8.74 2.68 1.00
CA ALA A 250 9.94 3.43 0.68
C ALA A 250 11.17 2.82 1.33
N VAL A 251 11.06 2.43 2.60
CA VAL A 251 12.15 1.71 3.26
C VAL A 251 12.39 0.38 2.58
N GLY A 252 11.32 -0.30 2.16
CA GLY A 252 11.45 -1.57 1.46
C GLY A 252 12.10 -1.46 0.11
N PHE A 253 12.08 -0.28 -0.51
CA PHE A 253 12.84 -0.07 -1.74
C PHE A 253 14.32 0.12 -1.44
N LEU A 254 14.64 0.85 -0.38
CA LEU A 254 16.01 1.29 -0.15
C LEU A 254 16.88 0.20 0.47
N LEU A 255 16.43 -0.39 1.59
CA LEU A 255 17.29 -1.27 2.37
C LEU A 255 17.72 -2.54 1.66
N PRO A 256 16.83 -3.32 1.02
CA PRO A 256 17.24 -4.64 0.48
C PRO A 256 18.38 -4.55 -0.51
N PRO A 257 18.42 -3.56 -1.42
CA PRO A 257 19.60 -3.44 -2.29
C PRO A 257 20.89 -3.18 -1.53
N VAL A 258 20.83 -2.51 -0.39
CA VAL A 258 22.02 -2.29 0.43
C VAL A 258 22.33 -3.52 1.28
N LEU A 259 21.32 -4.12 1.89
CA LEU A 259 21.55 -5.27 2.77
C LEU A 259 21.98 -6.50 1.97
N VAL A 260 21.45 -6.66 0.76
CA VAL A 260 21.72 -7.87 -0.02
C VAL A 260 22.31 -7.49 -1.38
N PRO A 261 23.62 -7.37 -1.49
CA PRO A 261 24.25 -7.18 -2.81
C PRO A 261 24.15 -8.44 -3.65
N ASN A 262 24.19 -8.24 -4.97
CA ASN A 262 24.03 -9.33 -5.93
C ASN A 262 25.36 -10.09 -6.08
N THR A 263 25.71 -10.82 -5.03
CA THR A 263 26.88 -11.70 -5.06
C THR A 263 26.44 -13.10 -5.50
N GLN A 264 26.05 -13.18 -6.77
CA GLN A 264 25.52 -14.43 -7.29
C GLN A 264 26.58 -15.51 -7.41
N ASN A 265 27.85 -15.13 -7.53
CA ASN A 265 28.90 -16.13 -7.71
C ASN A 265 29.25 -16.84 -6.41
N ASP A 266 29.05 -16.18 -5.28
CA ASP A 266 29.34 -16.76 -3.97
C ASP A 266 28.01 -16.85 -3.24
N THR A 267 27.39 -18.04 -3.29
CA THR A 267 26.05 -18.20 -2.75
C THR A 267 26.05 -18.29 -1.23
N ASN A 268 27.18 -18.65 -0.62
CA ASN A 268 27.23 -18.74 0.83
C ASN A 268 27.05 -17.36 1.48
N LEU A 269 27.74 -16.35 0.95
CA LEU A 269 27.54 -14.99 1.43
C LEU A 269 26.16 -14.47 1.05
N LEU A 270 25.62 -14.93 -0.07
CA LEU A 270 24.27 -14.52 -0.47
C LEU A 270 23.24 -14.96 0.56
N ALA A 271 23.37 -16.18 1.07
CA ALA A 271 22.47 -16.64 2.11
C ALA A 271 22.70 -15.90 3.43
N CYS A 272 23.94 -15.54 3.72
CA CYS A 272 24.22 -14.80 4.95
C CYS A 272 23.55 -13.44 4.95
N ASN A 273 23.62 -12.73 3.82
CA ASN A 273 23.00 -11.41 3.72
C ASN A 273 21.48 -11.50 3.82
N ILE A 274 20.89 -12.52 3.18
CA ILE A 274 19.43 -12.68 3.23
C ILE A 274 18.98 -13.01 4.65
N SER A 275 19.80 -13.78 5.39
CA SER A 275 19.47 -14.06 6.77
C SER A 275 19.45 -12.79 7.60
N THR A 276 20.41 -11.89 7.38
CA THR A 276 20.47 -10.65 8.14
C THR A 276 19.23 -9.80 7.90
N MET A 277 18.76 -9.73 6.65
CA MET A 277 17.53 -9.00 6.37
C MET A 277 16.32 -9.67 7.03
N PHE A 278 16.18 -10.98 6.84
CA PHE A 278 15.03 -11.68 7.40
C PHE A 278 15.06 -11.68 8.92
N TYR A 279 16.25 -11.93 9.51
CA TYR A 279 16.35 -11.90 10.96
C TYR A 279 16.13 -10.51 11.51
N GLY A 280 16.64 -9.49 10.81
CA GLY A 280 16.39 -8.12 11.24
C GLY A 280 14.93 -7.73 11.18
N THR A 281 14.22 -8.17 10.13
CA THR A 281 12.80 -7.88 10.01
C THR A 281 12.00 -8.59 11.09
N SER A 282 12.27 -9.89 11.30
CA SER A 282 11.53 -10.64 12.30
C SER A 282 11.79 -10.13 13.71
N ALA A 283 13.02 -9.71 13.99
CA ALA A 283 13.32 -9.12 15.30
C ALA A 283 12.52 -7.85 15.53
N VAL A 284 12.43 -6.99 14.51
CA VAL A 284 11.64 -5.77 14.65
C VAL A 284 10.16 -6.09 14.70
N ALA A 285 9.71 -7.06 13.90
CA ALA A 285 8.30 -7.44 13.91
C ALA A 285 7.91 -8.06 15.25
N THR A 286 8.79 -8.89 15.82
CA THR A 286 8.51 -9.47 17.13
C THR A 286 8.43 -8.40 18.20
N LEU A 287 9.31 -7.40 18.14
CA LEU A 287 9.28 -6.32 19.13
C LEU A 287 7.97 -5.54 19.06
N LEU A 288 7.49 -5.28 17.86
CA LEU A 288 6.24 -4.53 17.71
C LEU A 288 5.03 -5.38 18.09
N PHE A 289 5.13 -6.69 17.90
CA PHE A 289 4.08 -7.59 18.41
C PHE A 289 4.02 -7.55 19.93
N ILE A 290 5.17 -7.57 20.60
CA ILE A 290 5.20 -7.54 22.06
C ILE A 290 4.65 -6.22 22.58
N LEU A 291 5.01 -5.11 21.93
CA LEU A 291 4.52 -3.80 22.36
C LEU A 291 3.00 -3.70 22.22
N THR A 292 2.45 -4.27 21.14
CA THR A 292 1.00 -4.27 20.96
C THR A 292 0.30 -5.02 22.07
N ALA A 293 0.83 -6.18 22.45
CA ALA A 293 0.21 -6.98 23.50
C ALA A 293 0.26 -6.30 24.86
N ILE A 294 1.09 -5.27 25.02
CA ILE A 294 1.23 -4.58 26.29
C ILE A 294 0.54 -3.22 26.28
N ALA A 295 0.74 -2.43 25.23
CA ALA A 295 0.30 -1.03 25.21
C ALA A 295 -1.00 -0.82 24.44
N PHE A 296 -1.26 -1.61 23.40
CA PHE A 296 -2.50 -1.43 22.63
C PHE A 296 -3.70 -1.78 23.49
N LYS A 297 -4.69 -0.89 23.49
CA LYS A 297 -5.88 -1.06 24.30
C LYS A 297 -7.13 -0.94 23.42
N GLU A 298 -8.22 -1.53 23.92
CA GLU A 298 -9.47 -1.55 23.15
C GLU A 298 -9.98 -0.15 22.88
N LYS A 299 -10.05 0.68 23.92
CA LYS A 299 -10.63 2.01 23.81
C LYS A 299 -10.09 2.86 24.95
N PRO A 300 -10.12 4.18 24.82
CA PRO A 300 -9.72 5.04 25.93
C PRO A 300 -10.74 4.99 27.06
N ARG A 301 -10.29 5.42 28.24
CA ARG A 301 -11.17 5.44 29.40
C ARG A 301 -12.35 6.37 29.17
N TYR A 302 -12.14 7.47 28.44
CA TYR A 302 -13.20 8.38 28.06
C TYR A 302 -13.17 8.60 26.55
N PRO A 303 -14.32 8.83 25.92
CA PRO A 303 -14.34 9.12 24.49
C PRO A 303 -13.58 10.39 24.18
N PRO A 304 -12.80 10.42 23.09
CA PRO A 304 -12.04 11.62 22.75
C PRO A 304 -12.89 12.70 22.10
N SER A 305 -13.91 12.29 21.35
CA SER A 305 -14.73 13.21 20.59
C SER A 305 -16.20 12.98 20.94
N GLN A 306 -17.01 14.02 20.69
CA GLN A 306 -18.44 13.93 20.96
C GLN A 306 -19.10 12.86 20.08
N ALA A 307 -18.67 12.76 18.82
CA ALA A 307 -19.20 11.72 17.94
C ALA A 307 -18.86 10.33 18.47
N GLN A 308 -17.65 10.17 19.02
CA GLN A 308 -17.27 8.88 19.60
C GLN A 308 -18.14 8.53 20.80
N ALA A 309 -18.46 9.52 21.64
CA ALA A 309 -19.32 9.27 22.78
C ALA A 309 -20.69 8.79 22.35
N ALA A 310 -21.24 9.39 21.29
CA ALA A 310 -22.53 8.93 20.76
C ALA A 310 -22.43 7.53 20.16
N LEU A 311 -21.28 7.23 19.54
CA LEU A 311 -21.09 5.90 18.95
C LEU A 311 -21.11 4.81 20.01
N GLN A 312 -20.48 5.08 21.17
CA GLN A 312 -20.53 4.11 22.26
C GLN A 312 -21.94 3.95 22.80
N ASP A 313 -22.68 5.05 22.88
CA ASP A 313 -24.06 5.02 23.36
C ASP A 313 -25.02 4.39 22.36
N SER A 314 -24.58 4.13 21.14
CA SER A 314 -25.41 3.53 20.09
C SER A 314 -24.67 2.33 19.50
N PRO A 315 -24.74 1.17 20.16
CA PRO A 315 -24.09 -0.03 19.64
C PRO A 315 -24.66 -0.41 18.29
N PRO A 316 -23.82 -0.41 17.24
CA PRO A 316 -24.35 -0.69 15.90
C PRO A 316 -24.81 -2.13 15.71
N GLU A 317 -24.25 -3.08 16.47
CA GLU A 317 -24.55 -4.50 16.33
C GLU A 317 -24.18 -4.91 14.91
N GLU A 318 -25.08 -5.50 14.14
CA GLU A 318 -24.81 -5.86 12.76
C GLU A 318 -24.80 -4.61 11.88
N TYR A 319 -24.34 -4.79 10.64
CA TYR A 319 -24.32 -3.71 9.66
C TYR A 319 -24.89 -4.10 8.30
N SER A 320 -25.01 -5.40 8.02
CA SER A 320 -25.52 -5.89 6.72
C SER A 320 -24.65 -5.40 5.57
N TYR A 321 -23.41 -5.92 5.55
CA TYR A 321 -22.46 -5.53 4.51
C TYR A 321 -23.01 -5.83 3.12
N LYS A 322 -23.72 -6.95 2.97
CA LYS A 322 -24.29 -7.29 1.66
C LYS A 322 -25.28 -6.22 1.20
N LYS A 323 -26.11 -5.72 2.11
CA LYS A 323 -26.97 -4.60 1.78
C LYS A 323 -26.15 -3.36 1.42
N SER A 324 -25.10 -3.08 2.19
CA SER A 324 -24.28 -1.91 1.94
C SER A 324 -23.50 -2.03 0.63
N ILE A 325 -22.94 -3.22 0.36
CA ILE A 325 -22.12 -3.38 -0.83
C ILE A 325 -22.98 -3.33 -2.10
N ARG A 326 -24.23 -3.81 -2.03
CA ARG A 326 -25.10 -3.73 -3.17
C ARG A 326 -25.76 -2.37 -3.32
N ASN A 327 -25.88 -1.60 -2.23
CA ASN A 327 -26.31 -0.22 -2.33
C ASN A 327 -25.23 0.68 -2.89
N LEU A 328 -23.97 0.24 -2.86
CA LEU A 328 -22.85 1.02 -3.38
C LEU A 328 -22.66 0.80 -4.87
N PHE A 329 -22.92 -0.42 -5.36
CA PHE A 329 -22.75 -0.70 -6.79
C PHE A 329 -23.84 -0.09 -7.64
N LYS A 330 -24.91 0.43 -7.03
CA LYS A 330 -25.91 1.20 -7.75
C LYS A 330 -25.57 2.67 -7.85
N ASN A 331 -24.48 3.11 -7.21
CA ASN A 331 -24.03 4.49 -7.28
C ASN A 331 -23.07 4.61 -8.45
N ILE A 332 -23.55 5.18 -9.55
CA ILE A 332 -22.74 5.26 -10.78
C ILE A 332 -21.45 6.05 -10.56
N PRO A 333 -21.46 7.23 -9.93
CA PRO A 333 -20.17 7.90 -9.67
C PRO A 333 -19.21 7.07 -8.84
N PHE A 334 -19.69 6.30 -7.88
CA PHE A 334 -18.80 5.49 -7.07
C PHE A 334 -18.19 4.36 -7.88
N VAL A 335 -18.99 3.72 -8.74
CA VAL A 335 -18.45 2.65 -9.58
C VAL A 335 -17.36 3.20 -10.50
N LEU A 336 -17.55 4.42 -11.01
CA LEU A 336 -16.50 5.06 -11.79
C LEU A 336 -15.28 5.37 -10.92
N LEU A 337 -15.51 5.83 -9.69
CA LEU A 337 -14.40 6.09 -8.78
C LEU A 337 -13.68 4.81 -8.38
N LEU A 338 -14.42 3.71 -8.23
CA LEU A 338 -13.80 2.42 -7.94
C LEU A 338 -12.84 2.01 -9.04
N ILE A 339 -13.24 2.18 -10.30
CA ILE A 339 -12.40 1.77 -11.42
C ILE A 339 -11.18 2.67 -11.54
N THR A 340 -11.38 3.98 -11.46
CA THR A 340 -10.26 4.91 -11.64
C THR A 340 -9.25 4.82 -10.50
N TYR A 341 -9.74 4.66 -9.26
CA TYR A 341 -8.83 4.49 -8.14
C TYR A 341 -8.02 3.21 -8.28
N GLY A 342 -8.67 2.12 -8.68
CA GLY A 342 -7.95 0.86 -8.84
C GLY A 342 -6.91 0.91 -9.93
N ILE A 343 -7.20 1.60 -11.03
CA ILE A 343 -6.23 1.72 -12.12
C ILE A 343 -5.01 2.49 -11.67
N MET A 344 -5.22 3.60 -10.96
CA MET A 344 -4.09 4.42 -10.51
C MET A 344 -3.24 3.68 -9.50
N THR A 345 -3.88 3.12 -8.46
CA THR A 345 -3.14 2.37 -7.45
C THR A 345 -2.61 1.06 -7.99
N GLY A 346 -3.36 0.41 -8.89
CA GLY A 346 -2.86 -0.81 -9.51
C GLY A 346 -1.61 -0.56 -10.33
N ALA A 347 -1.54 0.57 -11.03
CA ALA A 347 -0.33 0.93 -11.76
C ALA A 347 0.84 1.13 -10.80
N PHE A 348 0.59 1.77 -9.65
CA PHE A 348 1.65 1.92 -8.66
C PHE A 348 2.13 0.57 -8.15
N TYR A 349 1.20 -0.34 -7.87
CA TYR A 349 1.60 -1.67 -7.42
C TYR A 349 2.41 -2.40 -8.47
N SER A 350 1.98 -2.32 -9.74
CA SER A 350 2.67 -3.02 -10.80
C SER A 350 4.05 -2.42 -11.07
N VAL A 351 4.16 -1.09 -11.07
CA VAL A 351 5.45 -0.45 -11.25
C VAL A 351 6.39 -0.82 -10.10
N SER A 352 5.87 -0.83 -8.88
CA SER A 352 6.69 -1.19 -7.72
C SER A 352 7.19 -2.62 -7.81
N THR A 353 6.32 -3.55 -8.21
CA THR A 353 6.71 -4.95 -8.31
C THR A 353 7.75 -5.17 -9.40
N LEU A 354 7.60 -4.50 -10.54
CA LEU A 354 8.45 -4.73 -11.70
C LEU A 354 9.53 -3.67 -11.86
N LEU A 355 9.75 -2.83 -10.86
CA LEU A 355 10.72 -1.75 -11.01
C LEU A 355 12.13 -2.28 -11.23
N ASN A 356 12.49 -3.36 -10.54
CA ASN A 356 13.81 -3.95 -10.72
C ASN A 356 13.99 -4.48 -12.14
N GLN A 357 12.93 -5.06 -12.72
CA GLN A 357 13.03 -5.65 -14.04
C GLN A 357 13.33 -4.61 -15.12
N MET A 358 12.64 -3.46 -15.08
CA MET A 358 12.84 -2.45 -16.10
C MET A 358 14.23 -1.82 -16.01
N ILE A 359 14.64 -1.42 -14.80
CA ILE A 359 15.92 -0.75 -14.65
C ILE A 359 17.08 -1.69 -14.98
N LEU A 360 17.01 -2.93 -14.49
CA LEU A 360 18.09 -3.87 -14.76
C LEU A 360 18.14 -4.30 -16.21
N THR A 361 17.08 -4.05 -16.99
CA THR A 361 17.11 -4.37 -18.41
C THR A 361 18.14 -3.52 -19.14
N TYR A 362 18.20 -2.22 -18.84
CA TYR A 362 19.16 -1.32 -19.44
C TYR A 362 20.38 -1.10 -18.56
N TYR A 363 20.17 -0.67 -17.32
CA TYR A 363 21.27 -0.39 -16.38
C TYR A 363 21.57 -1.66 -15.60
N GLU A 364 22.49 -2.45 -16.12
CA GLU A 364 22.89 -3.68 -15.44
C GLU A 364 23.68 -3.35 -14.18
N GLY A 365 23.49 -4.18 -13.15
CA GLY A 365 24.14 -3.95 -11.88
C GLY A 365 23.76 -2.67 -11.20
N GLU A 366 22.51 -2.24 -11.34
CA GLU A 366 22.01 -0.99 -10.78
C GLU A 366 20.92 -1.24 -9.74
N GLU A 367 21.05 -2.31 -8.96
CA GLU A 367 20.05 -2.63 -7.95
C GLU A 367 19.99 -1.54 -6.88
N VAL A 368 21.15 -1.04 -6.46
CA VAL A 368 21.18 0.00 -5.43
C VAL A 368 20.46 1.25 -5.92
N ASN A 369 20.74 1.67 -7.16
CA ASN A 369 20.07 2.84 -7.71
C ASN A 369 18.61 2.56 -8.01
N ALA A 370 18.28 1.31 -8.36
CA ALA A 370 16.87 0.94 -8.53
C ALA A 370 16.11 1.09 -7.22
N GLY A 371 16.74 0.70 -6.11
CA GLY A 371 16.11 0.89 -4.81
C GLY A 371 15.94 2.35 -4.45
N ARG A 372 16.91 3.18 -4.83
CA ARG A 372 16.80 4.62 -4.58
C ARG A 372 15.72 5.25 -5.45
N ILE A 373 15.57 4.77 -6.68
CA ILE A 373 14.54 5.31 -7.57
C ILE A 373 13.16 5.05 -7.00
N GLY A 374 12.91 3.85 -6.50
CA GLY A 374 11.64 3.56 -5.86
C GLY A 374 11.41 4.39 -4.62
N LEU A 375 12.47 4.61 -3.83
CA LEU A 375 12.37 5.50 -2.69
C LEU A 375 11.97 6.91 -3.10
N THR A 376 12.59 7.41 -4.17
CA THR A 376 12.22 8.74 -4.67
C THR A 376 10.77 8.79 -5.10
N LEU A 377 10.31 7.73 -5.77
CA LEU A 377 8.92 7.68 -6.22
C LEU A 377 7.95 7.73 -5.03
N VAL A 378 8.22 6.94 -4.00
CA VAL A 378 7.31 6.86 -2.86
C VAL A 378 7.41 8.11 -1.99
N VAL A 379 8.63 8.63 -1.79
CA VAL A 379 8.81 9.79 -0.94
C VAL A 379 8.21 11.03 -1.58
N ALA A 380 8.40 11.19 -2.90
CA ALA A 380 7.83 12.34 -3.58
C ALA A 380 6.30 12.35 -3.48
N GLY A 381 5.67 11.19 -3.64
CA GLY A 381 4.23 11.12 -3.46
C GLY A 381 3.77 11.27 -2.04
N MET A 382 4.63 10.95 -1.06
CA MET A 382 4.32 11.25 0.33
C MET A 382 4.19 12.75 0.54
N VAL A 383 5.12 13.53 -0.03
CA VAL A 383 5.03 14.98 0.04
C VAL A 383 3.79 15.48 -0.68
N GLY A 384 3.48 14.89 -1.83
CA GLY A 384 2.28 15.27 -2.55
C GLY A 384 1.01 15.03 -1.76
N SER A 385 0.98 13.97 -0.96
CA SER A 385 -0.17 13.73 -0.09
C SER A 385 -0.29 14.84 0.96
N ILE A 386 0.84 15.23 1.56
CA ILE A 386 0.81 16.30 2.56
C ILE A 386 0.44 17.62 1.91
N LEU A 387 0.96 17.90 0.71
CA LEU A 387 0.60 19.11 0.00
C LEU A 387 -0.85 19.10 -0.47
N CYS A 388 -1.45 17.92 -0.61
CA CYS A 388 -2.86 17.83 -0.95
C CYS A 388 -3.71 18.42 0.17
N GLY A 389 -4.82 19.04 -0.21
CA GLY A 389 -5.60 19.84 0.70
C GLY A 389 -5.31 21.31 0.46
N LEU A 390 -4.03 21.62 0.26
CA LEU A 390 -3.66 22.92 -0.28
C LEU A 390 -3.93 23.00 -1.78
N TRP A 391 -3.85 21.85 -2.46
CA TRP A 391 -4.27 21.79 -3.86
C TRP A 391 -5.75 22.12 -4.01
N LEU A 392 -6.59 21.56 -3.13
CA LEU A 392 -8.03 21.79 -3.16
C LEU A 392 -8.32 23.15 -2.53
N ASP A 393 -8.21 24.19 -3.37
CA ASP A 393 -8.49 25.53 -2.91
C ASP A 393 -9.98 25.69 -2.61
N TYR A 394 -10.33 26.85 -2.06
CA TYR A 394 -11.72 27.11 -1.69
C TYR A 394 -12.64 27.26 -2.90
N THR A 395 -12.09 27.36 -4.11
CA THR A 395 -12.91 27.41 -5.32
C THR A 395 -12.97 26.05 -6.02
N LYS A 396 -11.92 25.25 -5.90
CA LYS A 396 -11.87 23.95 -6.57
C LYS A 396 -12.65 22.91 -5.77
N THR A 397 -12.99 21.82 -6.45
CA THR A 397 -13.69 20.69 -5.86
C THR A 397 -12.80 19.45 -5.91
N TYR A 398 -13.26 18.39 -5.25
CA TYR A 398 -12.53 17.12 -5.29
C TYR A 398 -12.49 16.57 -6.71
N LYS A 399 -13.59 16.68 -7.46
CA LYS A 399 -13.61 16.17 -8.83
C LYS A 399 -12.59 16.89 -9.70
N GLN A 400 -12.48 18.21 -9.57
CA GLN A 400 -11.51 18.96 -10.35
C GLN A 400 -10.08 18.56 -9.98
N THR A 401 -9.79 18.46 -8.69
CA THR A 401 -8.45 18.08 -8.26
C THR A 401 -8.11 16.67 -8.71
N THR A 402 -9.07 15.76 -8.63
CA THR A 402 -8.84 14.39 -9.09
C THR A 402 -8.52 14.36 -10.58
N LEU A 403 -9.25 15.14 -11.38
CA LEU A 403 -9.01 15.15 -12.83
C LEU A 403 -7.65 15.72 -13.17
N ILE A 404 -7.24 16.81 -12.50
CA ILE A 404 -5.95 17.42 -12.80
C ILE A 404 -4.81 16.49 -12.39
N VAL A 405 -4.92 15.88 -11.21
CA VAL A 405 -3.87 14.96 -10.75
C VAL A 405 -3.80 13.73 -11.64
N TYR A 406 -4.96 13.20 -12.04
CA TYR A 406 -4.96 12.02 -12.92
C TYR A 406 -4.30 12.32 -14.25
N ILE A 407 -4.58 13.49 -14.84
CA ILE A 407 -3.95 13.86 -16.10
C ILE A 407 -2.44 14.01 -15.90
N LEU A 408 -2.03 14.70 -14.84
CA LEU A 408 -0.61 14.90 -14.59
C LEU A 408 0.09 13.59 -14.28
N SER A 409 -0.59 12.65 -13.61
CA SER A 409 -0.02 11.33 -13.38
C SER A 409 0.18 10.59 -14.69
N PHE A 410 -0.78 10.67 -15.61
CA PHE A 410 -0.65 10.00 -16.90
C PHE A 410 0.48 10.60 -17.72
N ILE A 411 0.63 11.93 -17.69
CA ILE A 411 1.74 12.56 -18.39
C ILE A 411 3.07 12.09 -17.81
N GLY A 412 3.15 11.99 -16.48
CA GLY A 412 4.37 11.48 -15.86
C GLY A 412 4.69 10.06 -16.29
N MET A 413 3.66 9.23 -16.44
CA MET A 413 3.87 7.85 -16.89
C MET A 413 4.43 7.81 -18.31
N VAL A 414 3.93 8.68 -19.19
CA VAL A 414 4.47 8.76 -20.54
C VAL A 414 5.91 9.22 -20.54
N ILE A 415 6.21 10.26 -19.75
CA ILE A 415 7.58 10.76 -19.67
C ILE A 415 8.50 9.71 -19.08
N PHE A 416 8.02 8.97 -18.08
CA PHE A 416 8.83 7.89 -17.52
C PHE A 416 9.04 6.78 -18.54
N THR A 417 8.04 6.53 -19.39
CA THR A 417 8.12 5.44 -20.35
C THR A 417 9.22 5.68 -21.38
N PHE A 418 9.28 6.88 -21.93
CA PHE A 418 10.18 7.18 -23.05
C PHE A 418 11.52 7.77 -22.61
N THR A 419 11.74 7.94 -21.31
CA THR A 419 13.04 8.39 -20.81
C THR A 419 13.86 7.28 -20.18
N LEU A 420 13.28 6.09 -19.99
CA LEU A 420 14.01 4.98 -19.40
C LEU A 420 15.06 4.41 -20.34
N ASP A 421 14.93 4.63 -21.65
CA ASP A 421 15.82 4.05 -22.64
C ASP A 421 16.97 4.99 -22.99
N LEU A 422 17.07 6.14 -22.32
CA LEU A 422 18.08 7.13 -22.67
C LEU A 422 19.44 6.87 -22.03
N ARG A 423 19.57 5.80 -21.24
CA ARG A 423 20.84 5.40 -20.64
C ARG A 423 21.40 6.47 -19.69
N TYR A 424 20.53 7.26 -19.07
CA TYR A 424 20.92 8.24 -18.07
C TYR A 424 20.15 7.96 -16.79
N ILE A 425 20.85 7.43 -15.79
CA ILE A 425 20.18 7.07 -14.54
C ILE A 425 19.67 8.31 -13.80
N ILE A 426 20.26 9.47 -14.06
CA ILE A 426 19.86 10.68 -13.34
C ILE A 426 18.44 11.08 -13.72
N ILE A 427 18.10 11.03 -15.00
CA ILE A 427 16.76 11.43 -15.42
C ILE A 427 15.70 10.43 -14.95
N VAL A 428 16.08 9.18 -14.72
CA VAL A 428 15.15 8.22 -14.13
C VAL A 428 14.79 8.63 -12.72
N PHE A 429 15.76 9.20 -11.98
CA PHE A 429 15.47 9.75 -10.66
C PHE A 429 14.47 10.90 -10.73
N VAL A 430 14.64 11.79 -11.72
CA VAL A 430 13.76 12.93 -11.85
C VAL A 430 12.38 12.48 -12.34
N THR A 431 12.34 11.60 -13.34
CA THR A 431 11.06 11.15 -13.87
C THR A 431 10.32 10.28 -12.86
N GLY A 432 11.05 9.48 -12.07
CA GLY A 432 10.42 8.71 -11.02
C GLY A 432 9.81 9.58 -9.94
N GLY A 433 10.50 10.65 -9.56
CA GLY A 433 9.96 11.57 -8.56
C GLY A 433 8.74 12.31 -9.05
N VAL A 434 8.76 12.75 -10.32
CA VAL A 434 7.60 13.43 -10.88
C VAL A 434 6.43 12.46 -11.02
N LEU A 435 6.70 11.24 -11.49
CA LEU A 435 5.64 10.24 -11.58
C LEU A 435 5.10 9.88 -10.21
N GLY A 436 5.99 9.65 -9.25
CA GLY A 436 5.55 9.29 -7.91
C GLY A 436 4.79 10.41 -7.21
N PHE A 437 5.18 11.65 -7.47
CA PHE A 437 4.53 12.79 -6.83
C PHE A 437 3.04 12.83 -7.13
N PHE A 438 2.65 12.41 -8.33
CA PHE A 438 1.25 12.43 -8.76
C PHE A 438 0.58 11.07 -8.67
N MET A 439 1.29 9.99 -9.00
CA MET A 439 0.68 8.67 -8.99
C MET A 439 0.34 8.20 -7.59
N THR A 440 1.30 8.32 -6.66
CA THR A 440 1.08 7.89 -5.29
C THR A 440 0.56 9.01 -4.38
N GLY A 441 0.69 10.26 -4.80
CA GLY A 441 0.00 11.33 -4.11
C GLY A 441 -1.49 11.35 -4.35
N TYR A 442 -1.96 10.59 -5.36
CA TYR A 442 -3.37 10.43 -5.62
C TYR A 442 -4.06 9.52 -4.61
N LEU A 443 -3.30 8.65 -3.94
CA LEU A 443 -3.89 7.63 -3.09
C LEU A 443 -4.80 8.20 -2.00
N PRO A 444 -4.39 9.19 -1.20
CA PRO A 444 -5.34 9.77 -0.24
C PRO A 444 -6.42 10.62 -0.91
N LEU A 445 -6.16 11.14 -2.11
CA LEU A 445 -7.16 11.93 -2.80
C LEU A 445 -8.37 11.08 -3.20
N GLY A 446 -8.11 9.88 -3.72
CA GLY A 446 -9.21 9.01 -4.12
C GLY A 446 -10.06 8.58 -2.96
N PHE A 447 -9.44 8.40 -1.78
CA PHE A 447 -10.19 8.04 -0.59
C PHE A 447 -11.03 9.20 -0.08
N GLU A 448 -10.53 10.43 -0.19
CA GLU A 448 -11.29 11.59 0.23
C GLU A 448 -12.42 11.94 -0.74
N PHE A 449 -12.26 11.59 -2.02
CA PHE A 449 -13.35 11.79 -2.97
C PHE A 449 -14.51 10.85 -2.72
N ALA A 450 -14.26 9.68 -2.12
CA ALA A 450 -15.30 8.71 -1.81
C ALA A 450 -16.11 9.08 -0.57
N VAL A 451 -15.97 10.30 -0.05
CA VAL A 451 -16.75 10.73 1.10
C VAL A 451 -18.03 11.42 0.67
N GLU A 452 -17.92 12.38 -0.26
CA GLU A 452 -19.11 13.03 -0.78
C GLU A 452 -19.93 12.09 -1.65
N ILE A 453 -19.26 11.26 -2.44
CA ILE A 453 -19.98 10.30 -3.29
C ILE A 453 -20.73 9.30 -2.42
N THR A 454 -20.09 8.80 -1.37
CA THR A 454 -20.69 7.84 -0.45
C THR A 454 -20.82 8.50 0.91
N TYR A 455 -21.89 9.28 1.09
CA TYR A 455 -22.10 9.95 2.37
C TYR A 455 -22.72 9.04 3.44
N PRO A 456 -23.89 8.42 3.20
CA PRO A 456 -24.55 7.70 4.29
C PRO A 456 -23.89 6.36 4.61
N GLU A 457 -23.48 5.62 3.59
CA GLU A 457 -22.90 4.30 3.81
C GLU A 457 -21.59 4.41 4.57
N SER A 458 -21.34 3.41 5.42
CA SER A 458 -20.20 3.47 6.33
C SER A 458 -18.89 3.49 5.56
N GLU A 459 -17.92 4.25 6.07
CA GLU A 459 -16.62 4.36 5.42
C GLU A 459 -15.89 3.03 5.36
N GLY A 460 -16.21 2.09 6.26
CA GLY A 460 -15.54 0.80 6.25
C GLY A 460 -15.79 0.02 4.97
N THR A 461 -17.04 0.04 4.48
CA THR A 461 -17.35 -0.70 3.25
C THR A 461 -16.73 -0.03 2.03
N SER A 462 -16.85 1.30 1.93
CA SER A 462 -16.26 2.00 0.80
C SER A 462 -14.74 1.88 0.80
N SER A 463 -14.11 1.94 1.97
CA SER A 463 -12.66 1.73 2.06
C SER A 463 -12.29 0.32 1.67
N GLY A 464 -13.08 -0.67 2.11
CA GLY A 464 -12.79 -2.06 1.75
C GLY A 464 -12.94 -2.30 0.27
N LEU A 465 -13.92 -1.66 -0.36
CA LEU A 465 -14.11 -1.82 -1.81
C LEU A 465 -13.02 -1.10 -2.59
N LEU A 466 -12.68 0.13 -2.18
CA LEU A 466 -11.64 0.87 -2.89
C LEU A 466 -10.29 0.17 -2.79
N ASN A 467 -9.95 -0.32 -1.60
CA ASN A 467 -8.68 -1.06 -1.44
C ASN A 467 -8.70 -2.35 -2.24
N ALA A 468 -9.83 -3.07 -2.22
CA ALA A 468 -9.92 -4.31 -2.99
C ALA A 468 -9.80 -4.06 -4.48
N SER A 469 -10.37 -2.96 -4.98
CA SER A 469 -10.25 -2.64 -6.39
C SER A 469 -8.81 -2.43 -6.79
N ALA A 470 -8.01 -1.80 -5.93
CA ALA A 470 -6.59 -1.63 -6.20
C ALA A 470 -5.87 -2.97 -6.25
N GLN A 471 -6.23 -3.89 -5.34
CA GLN A 471 -5.60 -5.21 -5.35
C GLN A 471 -5.91 -5.97 -6.63
N ILE A 472 -7.16 -5.91 -7.08
CA ILE A 472 -7.55 -6.62 -8.29
C ILE A 472 -6.82 -6.05 -9.51
N PHE A 473 -6.79 -4.73 -9.63
CA PHE A 473 -6.10 -4.11 -10.76
C PHE A 473 -4.59 -4.29 -10.67
N GLY A 474 -4.05 -4.30 -9.44
CA GLY A 474 -2.62 -4.54 -9.28
C GLY A 474 -2.20 -5.91 -9.75
N ILE A 475 -3.05 -6.92 -9.53
CA ILE A 475 -2.77 -8.27 -10.03
C ILE A 475 -2.86 -8.30 -11.54
N LEU A 476 -3.91 -7.69 -12.10
CA LEU A 476 -4.07 -7.68 -13.55
C LEU A 476 -2.95 -6.91 -14.23
N PHE A 477 -2.55 -5.77 -13.65
CA PHE A 477 -1.49 -4.98 -14.25
C PHE A 477 -0.14 -5.67 -14.13
N THR A 478 0.17 -6.23 -12.95
CA THR A 478 1.46 -6.88 -12.77
C THR A 478 1.61 -8.09 -13.69
N LEU A 479 0.55 -8.89 -13.81
CA LEU A 479 0.60 -10.05 -14.70
C LEU A 479 0.74 -9.63 -16.16
N ALA A 480 -0.04 -8.64 -16.58
CA ALA A 480 0.01 -8.20 -17.96
C ALA A 480 1.31 -7.45 -18.27
N GLN A 481 1.70 -6.51 -17.41
CA GLN A 481 2.92 -5.75 -17.64
C GLN A 481 4.15 -6.65 -17.50
N GLY A 482 4.11 -7.60 -16.57
CA GLY A 482 5.22 -8.54 -16.45
C GLY A 482 5.35 -9.42 -17.67
N LYS A 483 4.23 -9.89 -18.21
CA LYS A 483 4.26 -10.70 -19.43
C LYS A 483 4.79 -9.87 -20.60
N LEU A 484 4.34 -8.63 -20.73
CA LEU A 484 4.80 -7.79 -21.84
C LEU A 484 6.27 -7.42 -21.68
N THR A 485 6.71 -7.14 -20.45
CA THR A 485 8.10 -6.79 -20.23
C THR A 485 9.04 -7.97 -20.50
N SER A 486 8.61 -9.17 -20.11
CA SER A 486 9.48 -10.34 -20.25
C SER A 486 9.62 -10.78 -21.69
N ASP A 487 8.72 -10.35 -22.58
CA ASP A 487 8.75 -10.76 -23.98
C ASP A 487 9.21 -9.65 -24.93
N TYR A 488 8.74 -8.42 -24.74
CA TYR A 488 9.05 -7.33 -25.65
C TYR A 488 9.88 -6.21 -25.04
N GLY A 489 10.06 -6.18 -23.72
CA GLY A 489 10.88 -5.17 -23.10
C GLY A 489 10.08 -4.26 -22.20
N PRO A 490 10.78 -3.41 -21.43
CA PRO A 490 10.08 -2.52 -20.49
C PRO A 490 9.13 -1.55 -21.16
N LYS A 491 9.43 -1.11 -22.39
CA LYS A 491 8.59 -0.12 -23.05
C LYS A 491 7.19 -0.66 -23.32
N ALA A 492 7.09 -1.92 -23.75
CA ALA A 492 5.78 -2.50 -24.03
C ALA A 492 4.93 -2.57 -22.77
N GLY A 493 5.51 -2.98 -21.64
CA GLY A 493 4.78 -2.99 -20.40
C GLY A 493 4.41 -1.61 -19.91
N ASN A 494 5.34 -0.65 -20.06
CA ASN A 494 5.06 0.71 -19.63
C ASN A 494 4.04 1.40 -20.52
N ILE A 495 4.05 1.10 -21.83
CA ILE A 495 3.02 1.64 -22.71
C ILE A 495 1.65 1.08 -22.33
N PHE A 496 1.60 -0.18 -21.91
CA PHE A 496 0.34 -0.78 -21.49
C PHE A 496 -0.29 -0.01 -20.34
N LEU A 497 0.53 0.43 -19.38
CA LEU A 497 0.01 1.20 -18.26
C LEU A 497 -0.52 2.56 -18.70
N CYS A 498 0.14 3.18 -19.68
CA CYS A 498 -0.30 4.49 -20.15
C CYS A 498 -1.69 4.43 -20.77
N VAL A 499 -1.97 3.37 -21.54
CA VAL A 499 -3.30 3.23 -22.15
C VAL A 499 -4.36 3.09 -21.06
N TRP A 500 -4.09 2.28 -20.03
CA TRP A 500 -5.04 2.15 -18.94
C TRP A 500 -5.12 3.42 -18.11
N MET A 501 -4.05 4.20 -18.08
CA MET A 501 -4.11 5.51 -17.43
C MET A 501 -4.97 6.49 -18.21
N PHE A 502 -4.90 6.43 -19.54
CA PHE A 502 -5.75 7.30 -20.35
C PHE A 502 -7.22 6.95 -20.17
N ILE A 503 -7.55 5.66 -20.08
CA ILE A 503 -8.93 5.25 -19.81
C ILE A 503 -9.38 5.79 -18.47
N GLY A 504 -8.49 5.78 -17.47
CA GLY A 504 -8.84 6.34 -16.17
C GLY A 504 -9.16 7.81 -16.22
N ILE A 505 -8.51 8.56 -17.11
CA ILE A 505 -8.82 9.98 -17.28
C ILE A 505 -10.24 10.17 -17.80
N ILE A 506 -10.62 9.36 -18.80
CA ILE A 506 -11.96 9.49 -19.38
C ILE A 506 -13.03 9.17 -18.34
N LEU A 507 -12.82 8.09 -17.58
CA LEU A 507 -13.80 7.72 -16.56
C LEU A 507 -13.83 8.71 -15.41
N THR A 508 -12.70 9.35 -15.11
CA THR A 508 -12.68 10.38 -14.08
C THR A 508 -13.53 11.58 -14.48
N ALA A 509 -13.45 11.99 -15.75
CA ALA A 509 -14.22 13.15 -16.21
C ALA A 509 -15.71 12.89 -16.25
N LEU A 510 -16.13 11.63 -16.25
CA LEU A 510 -17.55 11.29 -16.33
C LEU A 510 -18.24 11.26 -14.97
N ILE A 511 -17.50 11.43 -13.87
CA ILE A 511 -18.11 11.44 -12.55
C ILE A 511 -18.81 12.77 -12.32
N LYS A 512 -20.06 12.71 -11.88
CA LYS A 512 -20.88 13.90 -11.64
C LYS A 512 -20.99 14.11 -10.13
N SER A 513 -20.04 14.85 -9.57
CA SER A 513 -20.02 15.10 -8.13
C SER A 513 -19.19 16.34 -7.82
N ASP A 514 -19.84 17.40 -7.34
CA ASP A 514 -19.20 18.68 -7.08
C ASP A 514 -19.39 19.04 -5.61
N LEU A 515 -18.29 19.08 -4.86
CA LEU A 515 -18.30 19.52 -3.47
C LEU A 515 -16.89 19.92 -3.08
N ARG A 516 -16.76 21.09 -2.46
CA ARG A 516 -15.46 21.67 -2.14
C ARG A 516 -14.84 20.96 -0.95
N ARG A 517 -13.71 21.50 -0.49
CA ARG A 517 -12.96 20.92 0.62
C ARG A 517 -13.83 20.75 1.87
C4 CHT B . -0.71 -3.96 -1.29
C5 CHT B . 0.69 -3.61 -0.86
C6 CHT B . -0.34 -1.69 0.34
C7 CHT B . 1.48 -1.28 -1.20
C8 CHT B . 1.90 -2.42 0.86
O6 CHT B . -0.72 -5.15 -2.03
N1 CHT B . 0.91 -2.25 -0.24
#